data_1T31
#
_entry.id   1T31
#
_cell.length_a   46.417
_cell.length_b   131.733
_cell.length_c   49.219
_cell.angle_alpha   90.00
_cell.angle_beta   90.00
_cell.angle_gamma   90.00
#
_symmetry.space_group_name_H-M   'P 21 21 2'
#
loop_
_entity.id
_entity.type
_entity.pdbx_description
1 polymer Chymase
2 branched 2-acetamido-2-deoxy-beta-D-glucopyranose-(1-4)-2-acetamido-2-deoxy-beta-D-glucopyranose
3 non-polymer 2-acetamido-2-deoxy-beta-D-glucopyranose
4 non-polymer 'SULFATE ION'
5 non-polymer 'COBALT (II) ION'
6 non-polymer '2-[3-({METHYL[1-(2-NAPHTHOYL)PIPERIDIN-4-YL]AMINO}CARBONYL)-2-NAPHTHYL]-1-(1-NAPHTHYL)-2-OXOETHYLPHOSPHONIC ACID'
7 non-polymer '2-(N-MORPHOLINO)-ETHANESULFONIC ACID'
8 water water
#
_entity_poly.entity_id   1
_entity_poly.type   'polypeptide(L)'
_entity_poly.pdbx_seq_one_letter_code
;IIGGTECKPHSRPYMAYLEIVTSNGPSKFCGGFLIRRNFVLTAAHCAGRSITVTLGAHNITEEEDTWQKLEVIKQFRHPK
YNTSTLHHDIMLLKLKEKASLTLAVGTLPFPSQKNFVPPGRMCRVAGWGRTGVLKPGSDTLQEVKLRLMDPQACSHFRDF
DHNLQLCVGNPRKTKSAFKGDSGGPLLCAGAAQGIVSYGRSDAKPPAVFTRISHYQPWINQILQAN
;
_entity_poly.pdbx_strand_id   A
#
# COMPACT_ATOMS: atom_id res chain seq x y z
N ILE A 1 9.33 6.12 -2.04
CA ILE A 1 10.36 5.33 -1.30
C ILE A 1 11.64 6.14 -1.13
N ILE A 2 12.12 6.21 0.10
CA ILE A 2 13.36 6.94 0.41
C ILE A 2 14.50 5.95 0.58
N GLY A 3 15.60 6.20 -0.13
CA GLY A 3 16.76 5.33 -0.03
C GLY A 3 16.61 3.90 -0.53
N GLY A 4 15.71 3.70 -1.48
CA GLY A 4 15.50 2.36 -2.00
C GLY A 4 16.20 2.17 -3.34
N THR A 5 15.89 1.07 -4.01
CA THR A 5 16.48 0.78 -5.31
C THR A 5 15.35 0.51 -6.31
N GLU A 6 15.64 0.72 -7.59
CA GLU A 6 14.65 0.49 -8.62
C GLU A 6 14.37 -1.01 -8.68
N CYS A 7 13.10 -1.40 -8.74
CA CYS A 7 12.76 -2.81 -8.81
C CYS A 7 13.15 -3.34 -10.17
N LYS A 8 13.37 -4.65 -10.26
CA LYS A 8 13.66 -5.25 -11.56
C LYS A 8 12.27 -5.18 -12.18
N PRO A 9 12.13 -4.58 -13.37
CA PRO A 9 10.80 -4.50 -13.98
C PRO A 9 9.98 -5.78 -13.94
N HIS A 10 8.73 -5.64 -13.51
CA HIS A 10 7.77 -6.74 -13.43
C HIS A 10 8.06 -7.81 -12.39
N SER A 11 8.93 -7.51 -11.41
CA SER A 11 9.28 -8.50 -10.39
C SER A 11 8.28 -8.52 -9.22
N ARG A 12 7.38 -7.56 -9.21
CA ARG A 12 6.35 -7.48 -8.16
C ARG A 12 5.03 -7.26 -8.90
N PRO A 13 4.56 -8.30 -9.62
CA PRO A 13 3.35 -8.35 -10.43
C PRO A 13 2.01 -8.03 -9.79
N TYR A 14 1.98 -7.97 -8.46
CA TYR A 14 0.75 -7.66 -7.74
C TYR A 14 0.59 -6.15 -7.53
N MET A 15 1.66 -5.38 -7.76
CA MET A 15 1.61 -3.94 -7.55
C MET A 15 0.63 -3.22 -8.44
N ALA A 16 -0.16 -2.35 -7.82
CA ALA A 16 -1.16 -1.58 -8.54
C ALA A 16 -0.88 -0.09 -8.36
N TYR A 17 -0.97 0.66 -9.46
CA TYR A 17 -0.76 2.10 -9.41
C TYR A 17 -2.17 2.68 -9.46
N LEU A 18 -2.50 3.54 -8.49
CA LEU A 18 -3.84 4.12 -8.44
C LEU A 18 -3.84 5.61 -8.78
N GLU A 19 -4.67 5.99 -9.74
CA GLU A 19 -4.80 7.38 -10.13
C GLU A 19 -6.17 7.79 -9.60
N ILE A 20 -6.16 8.67 -8.61
CA ILE A 20 -7.40 9.11 -7.98
C ILE A 20 -7.83 10.51 -8.35
N VAL A 21 -9.10 10.66 -8.69
CA VAL A 21 -9.67 11.96 -9.05
C VAL A 21 -10.46 12.46 -7.86
N THR A 22 -10.03 13.57 -7.26
CA THR A 22 -10.75 14.10 -6.12
C THR A 22 -11.91 14.94 -6.57
N SER A 23 -13.03 14.75 -5.90
CA SER A 23 -14.28 15.45 -6.16
C SER A 23 -14.10 16.96 -6.21
N ASN A 24 -12.87 17.45 -6.32
CA ASN A 24 -12.69 18.88 -6.17
C ASN A 24 -11.37 19.53 -6.55
N GLY A 25 -10.28 18.77 -6.50
CA GLY A 25 -8.99 19.37 -6.78
C GLY A 25 -8.07 18.57 -7.66
N PRO A 26 -6.75 18.76 -7.52
CA PRO A 26 -5.83 17.99 -8.37
C PRO A 26 -6.00 16.51 -8.17
N SER A 27 -5.52 15.73 -9.14
CA SER A 27 -5.60 14.29 -9.05
C SER A 27 -4.47 13.88 -8.13
N LYS A 28 -4.47 12.63 -7.72
CA LYS A 28 -3.42 12.16 -6.84
C LYS A 28 -3.20 10.67 -7.06
N PHE A 29 -2.10 10.14 -6.52
CA PHE A 29 -1.85 8.72 -6.70
C PHE A 29 -1.50 8.00 -5.40
N CYS A 30 -1.64 6.68 -5.44
CA CYS A 30 -1.36 5.79 -4.33
C CYS A 30 -0.96 4.45 -4.92
N GLY A 31 -0.46 3.58 -4.06
CA GLY A 31 -0.09 2.25 -4.50
C GLY A 31 -1.22 1.35 -4.03
N GLY A 32 -1.08 0.05 -4.25
CA GLY A 32 -2.08 -0.90 -3.82
C GLY A 32 -1.65 -2.24 -4.40
N PHE A 33 -2.37 -3.31 -4.09
CA PHE A 33 -2.01 -4.60 -4.65
C PHE A 33 -3.21 -5.50 -4.89
N LEU A 34 -3.11 -6.29 -5.94
CA LEU A 34 -4.18 -7.19 -6.36
C LEU A 34 -4.28 -8.43 -5.47
N ILE A 35 -5.41 -8.59 -4.78
CA ILE A 35 -5.59 -9.77 -3.92
C ILE A 35 -6.51 -10.79 -4.60
N ARG A 36 -7.24 -10.31 -5.60
CA ARG A 36 -8.14 -11.14 -6.41
C ARG A 36 -8.13 -10.50 -7.78
N ARG A 37 -8.50 -11.27 -8.80
CA ARG A 37 -8.50 -10.75 -10.16
C ARG A 37 -9.27 -9.44 -10.33
N ASN A 38 -10.31 -9.23 -9.51
CA ASN A 38 -11.10 -8.00 -9.61
C ASN A 38 -11.14 -7.18 -8.31
N PHE A 39 -10.15 -7.37 -7.45
CA PHE A 39 -10.09 -6.62 -6.19
C PHE A 39 -8.67 -6.18 -5.87
N VAL A 40 -8.55 -4.92 -5.45
CA VAL A 40 -7.26 -4.34 -5.09
C VAL A 40 -7.36 -3.82 -3.66
N LEU A 41 -6.34 -4.09 -2.86
CA LEU A 41 -6.32 -3.63 -1.48
C LEU A 41 -5.44 -2.39 -1.42
N THR A 42 -5.87 -1.38 -0.66
CA THR A 42 -5.09 -0.16 -0.55
C THR A 42 -5.46 0.58 0.73
N ALA A 43 -5.07 1.85 0.84
CA ALA A 43 -5.39 2.63 2.05
C ALA A 43 -6.68 3.42 1.86
N ALA A 44 -7.50 3.45 2.91
CA ALA A 44 -8.77 4.16 2.90
C ALA A 44 -8.60 5.65 2.62
N HIS A 45 -7.47 6.23 3.05
CA HIS A 45 -7.28 7.65 2.81
C HIS A 45 -7.02 7.97 1.34
N CYS A 46 -6.90 6.92 0.54
CA CYS A 46 -6.66 7.09 -0.90
C CYS A 46 -7.98 7.15 -1.68
N ALA A 47 -9.10 7.04 -0.97
CA ALA A 47 -10.41 7.09 -1.62
C ALA A 47 -10.62 8.42 -2.34
N GLY A 48 -11.53 8.42 -3.31
CA GLY A 48 -11.81 9.62 -4.06
C GLY A 48 -13.09 9.47 -4.88
N ARG A 49 -13.36 10.46 -5.73
CA ARG A 49 -14.55 10.41 -6.55
C ARG A 49 -14.48 9.23 -7.51
N SER A 50 -13.33 9.06 -8.15
CA SER A 50 -13.14 7.96 -9.11
C SER A 50 -11.69 7.51 -9.07
N ILE A 51 -11.46 6.25 -9.43
CA ILE A 51 -10.11 5.70 -9.42
C ILE A 51 -9.85 4.75 -10.58
N THR A 52 -8.67 4.87 -11.17
CA THR A 52 -8.25 3.99 -12.26
C THR A 52 -7.03 3.24 -11.76
N VAL A 53 -7.02 1.93 -11.97
CA VAL A 53 -5.91 1.10 -11.53
C VAL A 53 -5.09 0.62 -12.73
N THR A 54 -3.77 0.73 -12.62
CA THR A 54 -2.89 0.28 -13.68
C THR A 54 -2.05 -0.86 -13.15
N LEU A 55 -2.21 -2.02 -13.78
CA LEU A 55 -1.47 -3.22 -13.40
C LEU A 55 -0.43 -3.54 -14.48
N GLY A 56 0.65 -4.22 -14.09
CA GLY A 56 1.68 -4.60 -15.04
C GLY A 56 2.69 -3.54 -15.42
N ALA A 57 2.80 -2.49 -14.61
CA ALA A 57 3.72 -1.40 -14.91
C ALA A 57 5.00 -1.34 -14.09
N HIS A 58 5.96 -0.56 -14.57
CA HIS A 58 7.22 -0.32 -13.88
C HIS A 58 7.43 1.19 -13.97
N ASN A 59 7.63 1.67 -15.19
CA ASN A 59 7.74 3.11 -15.41
C ASN A 59 6.32 3.52 -15.72
N ILE A 60 5.65 4.12 -14.74
CA ILE A 60 4.25 4.50 -14.90
C ILE A 60 3.94 5.54 -15.98
N THR A 61 4.96 6.17 -16.55
CA THR A 61 4.71 7.15 -17.61
C THR A 61 4.94 6.51 -18.98
N GLU A 62 5.30 5.23 -18.99
CA GLU A 62 5.58 4.53 -20.23
C GLU A 62 4.75 3.25 -20.36
N GLU A 63 3.71 3.32 -21.18
CA GLU A 63 2.81 2.20 -21.42
C GLU A 63 3.54 0.99 -22.01
N GLU A 64 3.21 -0.20 -21.52
CA GLU A 64 3.79 -1.44 -22.00
C GLU A 64 2.67 -2.42 -22.37
N ASP A 65 2.98 -3.43 -23.17
CA ASP A 65 1.98 -4.41 -23.55
C ASP A 65 1.57 -5.27 -22.35
N THR A 66 2.28 -5.11 -21.24
CA THR A 66 1.98 -5.86 -20.03
C THR A 66 0.90 -5.14 -19.23
N TRP A 67 0.66 -3.89 -19.58
CA TRP A 67 -0.33 -3.07 -18.90
C TRP A 67 -1.76 -3.55 -19.00
N GLN A 68 -2.49 -3.40 -17.89
CA GLN A 68 -3.91 -3.72 -17.83
C GLN A 68 -4.46 -2.60 -16.97
N LYS A 69 -5.22 -1.71 -17.59
CA LYS A 69 -5.81 -0.58 -16.88
C LYS A 69 -7.28 -0.88 -16.68
N LEU A 70 -7.73 -0.75 -15.44
CA LEU A 70 -9.12 -1.03 -15.10
C LEU A 70 -9.71 0.04 -14.21
N GLU A 71 -10.96 0.41 -14.51
CA GLU A 71 -11.69 1.40 -13.74
C GLU A 71 -12.27 0.73 -12.51
N VAL A 72 -12.26 1.44 -11.38
CA VAL A 72 -12.82 0.93 -10.15
C VAL A 72 -14.31 1.24 -10.17
N ILE A 73 -15.14 0.25 -9.87
CA ILE A 73 -16.58 0.46 -9.87
C ILE A 73 -17.16 0.59 -8.46
N LYS A 74 -16.39 0.16 -7.46
CA LYS A 74 -16.85 0.23 -6.08
C LYS A 74 -15.70 0.42 -5.10
N GLN A 75 -15.85 1.37 -4.18
CA GLN A 75 -14.84 1.63 -3.17
C GLN A 75 -15.39 1.18 -1.82
N PHE A 76 -14.64 0.34 -1.11
CA PHE A 76 -15.06 -0.16 0.18
C PHE A 76 -14.12 0.33 1.28
N ARG A 77 -14.34 1.55 1.78
CA ARG A 77 -13.50 2.05 2.86
C ARG A 77 -13.92 1.35 4.14
N HIS A 78 -12.97 1.03 5.01
CA HIS A 78 -13.33 0.36 6.25
C HIS A 78 -14.33 1.25 6.98
N PRO A 79 -15.42 0.66 7.49
CA PRO A 79 -16.43 1.45 8.19
C PRO A 79 -15.92 2.28 9.36
N LYS A 80 -14.86 1.81 10.01
CA LYS A 80 -14.32 2.51 11.17
C LYS A 80 -13.14 3.43 10.87
N TYR A 81 -12.79 3.58 9.59
CA TYR A 81 -11.67 4.46 9.24
C TYR A 81 -11.93 5.80 9.92
N ASN A 82 -10.95 6.27 10.68
CA ASN A 82 -11.09 7.51 11.42
C ASN A 82 -9.95 8.48 11.11
N THR A 83 -10.29 9.68 10.64
CA THR A 83 -9.26 10.66 10.30
C THR A 83 -8.53 11.28 11.50
N SER A 84 -9.10 11.15 12.69
CA SER A 84 -8.45 11.72 13.88
C SER A 84 -7.42 10.75 14.44
N THR A 85 -7.78 9.48 14.55
CA THR A 85 -6.87 8.45 15.08
C THR A 85 -6.11 7.79 13.93
N LEU A 86 -6.63 7.96 12.71
CA LEU A 86 -6.06 7.37 11.51
C LEU A 86 -6.04 5.84 11.60
N HIS A 87 -6.91 5.31 12.45
CA HIS A 87 -7.02 3.86 12.60
C HIS A 87 -7.84 3.28 11.47
N HIS A 88 -7.59 2.02 11.14
CA HIS A 88 -8.33 1.33 10.09
C HIS A 88 -8.17 1.98 8.73
N ASP A 89 -6.94 2.39 8.41
CA ASP A 89 -6.68 3.02 7.13
C ASP A 89 -6.52 1.93 6.08
N ILE A 90 -7.64 1.34 5.68
CA ILE A 90 -7.63 0.25 4.70
C ILE A 90 -8.88 0.35 3.83
N MET A 91 -8.77 -0.10 2.59
CA MET A 91 -9.90 -0.04 1.65
C MET A 91 -9.77 -1.07 0.54
N LEU A 92 -10.90 -1.58 0.10
CA LEU A 92 -10.95 -2.55 -0.99
C LEU A 92 -11.55 -1.88 -2.21
N LEU A 93 -11.00 -2.18 -3.37
CA LEU A 93 -11.49 -1.60 -4.61
C LEU A 93 -11.92 -2.74 -5.55
N LYS A 94 -13.15 -2.66 -6.03
CA LYS A 94 -13.65 -3.68 -6.96
C LYS A 94 -13.44 -3.13 -8.36
N LEU A 95 -12.81 -3.94 -9.22
CA LEU A 95 -12.53 -3.54 -10.59
C LEU A 95 -13.69 -3.85 -11.53
N LYS A 96 -13.86 -3.02 -12.55
CA LYS A 96 -14.93 -3.17 -13.53
C LYS A 96 -15.00 -4.59 -14.09
N GLU A 97 -13.84 -5.19 -14.32
CA GLU A 97 -13.75 -6.55 -14.84
C GLU A 97 -12.55 -7.24 -14.22
N LYS A 98 -12.48 -8.55 -14.34
CA LYS A 98 -11.37 -9.30 -13.78
C LYS A 98 -10.13 -9.10 -14.65
N ALA A 99 -8.98 -8.91 -14.01
CA ALA A 99 -7.74 -8.75 -14.73
C ALA A 99 -7.30 -10.13 -15.20
N SER A 100 -6.46 -10.17 -16.22
CA SER A 100 -5.95 -11.44 -16.73
C SER A 100 -4.63 -11.70 -16.01
N LEU A 101 -4.46 -12.91 -15.50
CA LEU A 101 -3.23 -13.24 -14.79
C LEU A 101 -2.13 -13.57 -15.79
N THR A 102 -1.03 -12.83 -15.68
CA THR A 102 0.12 -13.02 -16.56
C THR A 102 1.38 -12.92 -15.72
N LEU A 103 2.55 -13.12 -16.33
CA LEU A 103 3.78 -13.03 -15.56
C LEU A 103 3.95 -11.64 -14.95
N ALA A 104 3.32 -10.64 -15.54
CA ALA A 104 3.43 -9.25 -15.07
C ALA A 104 2.28 -8.80 -14.18
N VAL A 105 1.21 -9.59 -14.15
CA VAL A 105 0.05 -9.26 -13.33
C VAL A 105 -0.39 -10.49 -12.56
N GLY A 106 -0.23 -10.44 -11.25
CA GLY A 106 -0.60 -11.56 -10.41
C GLY A 106 -1.17 -11.10 -9.09
N THR A 107 -1.78 -12.05 -8.38
CA THR A 107 -2.39 -11.76 -7.09
C THR A 107 -1.48 -12.15 -5.95
N LEU A 108 -1.81 -11.63 -4.77
CA LEU A 108 -1.07 -11.89 -3.55
C LEU A 108 -2.13 -12.12 -2.47
N PRO A 109 -1.95 -13.16 -1.63
CA PRO A 109 -2.96 -13.41 -0.59
C PRO A 109 -2.78 -12.52 0.64
N PHE A 110 -3.83 -12.44 1.46
CA PHE A 110 -3.78 -11.66 2.70
C PHE A 110 -3.72 -12.66 3.85
N PRO A 111 -3.08 -12.28 4.97
CA PRO A 111 -2.93 -13.12 6.15
C PRO A 111 -4.15 -13.28 7.07
N SER A 112 -4.10 -14.34 7.89
CA SER A 112 -5.16 -14.63 8.85
C SER A 112 -5.01 -13.76 10.09
N GLN A 113 -6.13 -13.41 10.71
CA GLN A 113 -6.11 -12.57 11.90
C GLN A 113 -5.29 -13.22 13.01
N LYS A 114 -5.20 -14.55 12.98
CA LYS A 114 -4.45 -15.29 13.99
C LYS A 114 -2.94 -15.10 13.83
N ASN A 115 -2.50 -14.80 12.62
CA ASN A 115 -1.08 -14.61 12.35
C ASN A 115 -0.65 -13.17 12.60
N PHE A 116 -0.18 -12.93 13.82
CA PHE A 116 0.27 -11.61 14.26
C PHE A 116 1.78 -11.48 14.07
N VAL A 117 2.18 -10.65 13.11
CA VAL A 117 3.61 -10.46 12.84
C VAL A 117 4.22 -9.60 13.94
N PRO A 118 5.20 -10.14 14.68
CA PRO A 118 5.85 -9.43 15.78
C PRO A 118 7.01 -8.54 15.29
N PRO A 119 7.46 -7.61 16.14
CA PRO A 119 8.56 -6.71 15.79
C PRO A 119 9.88 -7.47 15.66
N GLY A 120 10.84 -6.89 14.95
CA GLY A 120 12.14 -7.53 14.81
C GLY A 120 12.57 -7.99 13.43
N ARG A 121 11.63 -8.52 12.66
CA ARG A 121 11.99 -9.02 11.34
C ARG A 121 12.05 -7.97 10.24
N MET A 122 12.74 -8.33 9.17
CA MET A 122 12.94 -7.46 8.02
C MET A 122 11.88 -7.72 6.95
N CYS A 123 11.37 -6.64 6.37
CA CYS A 123 10.37 -6.76 5.31
C CYS A 123 10.76 -5.77 4.22
N ARG A 124 9.96 -5.72 3.16
CA ARG A 124 10.22 -4.78 2.08
C ARG A 124 8.92 -4.20 1.57
N VAL A 125 9.00 -2.98 1.07
CA VAL A 125 7.85 -2.30 0.53
C VAL A 125 8.28 -1.67 -0.78
N ALA A 126 7.36 -1.58 -1.72
CA ALA A 126 7.64 -1.01 -3.03
C ALA A 126 6.63 0.08 -3.30
N GLY A 127 6.97 1.03 -4.18
CA GLY A 127 6.03 2.09 -4.49
C GLY A 127 6.58 3.12 -5.47
N TRP A 128 5.67 3.94 -5.98
CA TRP A 128 6.01 5.01 -6.92
C TRP A 128 6.02 6.36 -6.17
N GLY A 129 6.14 6.31 -4.86
CA GLY A 129 6.13 7.54 -4.08
C GLY A 129 7.34 8.43 -4.28
N ARG A 130 7.34 9.57 -3.59
CA ARG A 130 8.44 10.52 -3.70
C ARG A 130 9.71 9.90 -3.12
N THR A 131 10.85 10.26 -3.69
CA THR A 131 12.12 9.73 -3.21
C THR A 131 12.84 10.70 -2.30
N GLY A 132 12.14 11.77 -1.93
CA GLY A 132 12.71 12.78 -1.06
C GLY A 132 11.61 13.77 -0.69
N VAL A 133 11.82 14.57 0.35
CA VAL A 133 10.82 15.52 0.77
C VAL A 133 10.47 16.51 -0.35
N LEU A 134 11.48 16.95 -1.09
CA LEU A 134 11.23 17.91 -2.16
C LEU A 134 11.29 17.31 -3.56
N LYS A 135 11.20 15.99 -3.64
CA LYS A 135 11.26 15.31 -4.93
C LYS A 135 9.87 14.85 -5.37
N PRO A 136 9.62 14.78 -6.68
CA PRO A 136 8.31 14.35 -7.18
C PRO A 136 8.22 12.83 -7.05
N GLY A 137 7.03 12.28 -7.31
CA GLY A 137 6.87 10.84 -7.24
C GLY A 137 7.79 10.19 -8.25
N SER A 138 8.28 9.00 -7.94
CA SER A 138 9.19 8.29 -8.84
C SER A 138 8.45 7.78 -10.08
N ASP A 139 9.09 7.91 -11.24
CA ASP A 139 8.53 7.43 -12.50
C ASP A 139 8.48 5.91 -12.45
N THR A 140 9.53 5.34 -11.86
CA THR A 140 9.69 3.89 -11.77
C THR A 140 9.40 3.34 -10.38
N LEU A 141 8.99 2.07 -10.34
CA LEU A 141 8.69 1.39 -9.09
C LEU A 141 9.98 1.18 -8.31
N GLN A 142 9.98 1.60 -7.06
CA GLN A 142 11.15 1.46 -6.19
C GLN A 142 10.81 0.53 -5.02
N GLU A 143 11.83 0.02 -4.36
CA GLU A 143 11.60 -0.83 -3.20
C GLU A 143 12.74 -0.67 -2.20
N VAL A 144 12.45 -0.93 -0.94
CA VAL A 144 13.44 -0.79 0.10
C VAL A 144 13.17 -1.81 1.20
N LYS A 145 14.24 -2.25 1.86
CA LYS A 145 14.11 -3.21 2.95
C LYS A 145 14.00 -2.41 4.24
N LEU A 146 12.97 -2.67 5.02
CA LEU A 146 12.74 -1.95 6.27
C LEU A 146 12.56 -2.92 7.43
N ARG A 147 12.95 -2.46 8.63
CA ARG A 147 12.84 -3.25 9.84
C ARG A 147 11.51 -3.05 10.55
N LEU A 148 10.92 -4.15 11.01
CA LEU A 148 9.65 -4.09 11.74
C LEU A 148 10.04 -3.70 13.16
N MET A 149 9.62 -2.52 13.60
CA MET A 149 9.99 -2.01 14.92
C MET A 149 8.99 -2.25 16.05
N ASP A 150 9.48 -2.14 17.28
CA ASP A 150 8.64 -2.27 18.46
C ASP A 150 7.67 -1.10 18.37
N PRO A 151 6.41 -1.30 18.77
CA PRO A 151 5.40 -0.23 18.72
C PRO A 151 5.83 1.04 19.45
N GLN A 152 6.71 0.88 20.44
CA GLN A 152 7.21 2.00 21.21
C GLN A 152 7.93 2.99 20.29
N ALA A 153 8.51 2.47 19.21
CA ALA A 153 9.23 3.32 18.26
C ALA A 153 8.29 4.29 17.55
N CYS A 154 7.00 4.03 17.61
CA CYS A 154 6.00 4.89 16.98
C CYS A 154 5.10 5.59 17.97
N SER A 155 5.56 5.76 19.21
CA SER A 155 4.74 6.43 20.21
C SER A 155 4.56 7.91 19.91
N HIS A 156 5.43 8.49 19.08
CA HIS A 156 5.28 9.91 18.76
C HIS A 156 4.14 10.15 17.77
N PHE A 157 3.54 9.07 17.27
CA PHE A 157 2.41 9.18 16.34
C PHE A 157 1.12 9.05 17.16
N ARG A 158 0.30 10.09 17.15
CA ARG A 158 -0.95 10.10 17.89
C ARG A 158 -1.80 8.85 17.69
N ASP A 159 -2.20 8.25 18.80
CA ASP A 159 -3.06 7.06 18.79
C ASP A 159 -2.48 5.78 18.19
N PHE A 160 -1.17 5.76 17.93
CA PHE A 160 -0.59 4.55 17.36
C PHE A 160 -1.04 3.35 18.19
N ASP A 161 -1.50 2.28 17.53
CA ASP A 161 -1.99 1.10 18.24
C ASP A 161 -1.37 -0.18 17.70
N HIS A 162 -0.51 -0.79 18.48
CA HIS A 162 0.20 -2.00 18.09
C HIS A 162 -0.68 -3.11 17.51
N ASN A 163 -1.91 -3.23 17.99
CA ASN A 163 -2.80 -4.26 17.51
C ASN A 163 -3.38 -3.97 16.13
N LEU A 164 -3.37 -2.70 15.75
CA LEU A 164 -3.94 -2.26 14.48
C LEU A 164 -2.92 -1.78 13.46
N GLN A 165 -1.76 -1.36 13.94
CA GLN A 165 -0.75 -0.82 13.04
C GLN A 165 0.63 -1.42 13.25
N LEU A 166 1.46 -1.27 12.22
CA LEU A 166 2.84 -1.75 12.24
C LEU A 166 3.74 -0.52 12.28
N CYS A 167 4.84 -0.63 13.01
CA CYS A 167 5.80 0.46 13.11
C CYS A 167 6.98 -0.02 12.25
N VAL A 168 7.17 0.64 11.10
CA VAL A 168 8.18 0.22 10.14
C VAL A 168 9.32 1.18 9.79
N GLY A 169 10.55 0.66 9.90
CA GLY A 169 11.72 1.45 9.57
C GLY A 169 12.57 1.90 10.74
N ASN A 170 13.79 1.38 10.81
CA ASN A 170 14.73 1.75 11.86
C ASN A 170 14.89 3.27 11.81
N PRO A 171 14.61 3.97 12.92
CA PRO A 171 14.73 5.42 12.96
C PRO A 171 16.15 5.97 12.84
N ARG A 172 17.15 5.09 12.94
CA ARG A 172 18.54 5.52 12.84
C ARG A 172 19.07 5.40 11.43
N LYS A 173 18.16 5.31 10.47
CA LYS A 173 18.51 5.21 9.06
C LYS A 173 17.51 6.08 8.31
N THR A 174 17.85 6.50 7.09
CA THR A 174 16.93 7.34 6.36
C THR A 174 15.95 6.56 5.46
N LYS A 175 16.27 5.30 5.18
CA LYS A 175 15.39 4.46 4.36
C LYS A 175 13.96 4.47 4.91
N SER A 176 12.97 4.56 4.03
CA SER A 176 11.60 4.58 4.49
C SER A 176 10.58 4.71 3.37
N ALA A 177 9.33 4.34 3.68
CA ALA A 177 8.24 4.50 2.74
C ALA A 177 7.93 5.99 2.93
N PHE A 178 7.32 6.62 1.94
CA PHE A 178 7.03 8.05 2.07
C PHE A 178 5.80 8.41 1.23
N LYS A 179 5.51 9.70 1.12
CA LYS A 179 4.36 10.17 0.36
C LYS A 179 4.25 9.53 -1.03
N GLY A 180 3.09 9.00 -1.35
CA GLY A 180 2.89 8.38 -2.64
C GLY A 180 2.97 6.87 -2.58
N ASP A 181 3.63 6.35 -1.55
CA ASP A 181 3.74 4.92 -1.37
C ASP A 181 2.51 4.37 -0.66
N SER A 182 1.70 5.28 -0.12
CA SER A 182 0.47 4.91 0.59
C SER A 182 -0.33 3.83 -0.15
N GLY A 183 -0.91 2.90 0.60
CA GLY A 183 -1.69 1.86 -0.02
C GLY A 183 -0.85 0.69 -0.49
N GLY A 184 0.45 0.93 -0.68
CA GLY A 184 1.33 -0.13 -1.12
C GLY A 184 1.56 -1.15 -0.02
N PRO A 185 1.77 -2.43 -0.38
CA PRO A 185 2.00 -3.52 0.57
C PRO A 185 3.39 -3.63 1.16
N LEU A 186 3.45 -4.18 2.37
CA LEU A 186 4.72 -4.42 3.04
C LEU A 186 4.80 -5.95 3.04
N LEU A 187 5.85 -6.49 2.45
CA LEU A 187 6.00 -7.94 2.40
C LEU A 187 7.12 -8.41 3.31
N CYS A 188 6.83 -9.44 4.10
CA CYS A 188 7.81 -10.02 5.01
C CYS A 188 7.93 -11.48 4.61
N ALA A 189 9.06 -11.85 4.01
CA ALA A 189 9.28 -13.23 3.56
C ALA A 189 8.31 -13.60 2.45
N GLY A 190 7.99 -12.63 1.59
CA GLY A 190 7.10 -12.89 0.47
C GLY A 190 5.61 -12.88 0.77
N ALA A 191 5.23 -12.55 2.01
CA ALA A 191 3.82 -12.50 2.38
C ALA A 191 3.41 -11.09 2.82
N ALA A 192 2.30 -10.60 2.28
CA ALA A 192 1.83 -9.26 2.63
C ALA A 192 1.36 -9.22 4.07
N GLN A 193 1.82 -8.22 4.81
CA GLN A 193 1.45 -8.08 6.21
C GLN A 193 1.00 -6.66 6.56
N GLY A 194 1.35 -5.69 5.71
CA GLY A 194 0.95 -4.31 5.98
C GLY A 194 0.62 -3.48 4.75
N ILE A 195 0.04 -2.31 4.98
CA ILE A 195 -0.34 -1.37 3.94
C ILE A 195 0.22 0.00 4.35
N VAL A 196 0.99 0.64 3.48
CA VAL A 196 1.54 1.95 3.83
C VAL A 196 0.39 2.89 4.18
N SER A 197 0.41 3.45 5.39
CA SER A 197 -0.64 4.37 5.83
C SER A 197 -0.20 5.83 5.91
N TYR A 198 0.73 6.14 6.81
CA TYR A 198 1.21 7.52 6.92
C TYR A 198 2.49 7.63 7.73
N GLY A 199 2.97 8.86 7.87
CA GLY A 199 4.20 9.09 8.62
C GLY A 199 4.51 10.57 8.72
N ARG A 200 5.76 10.90 9.01
CA ARG A 200 6.17 12.29 9.14
C ARG A 200 6.29 12.99 7.79
N SER A 201 5.92 14.26 7.77
CA SER A 201 5.99 15.06 6.56
C SER A 201 7.45 15.28 6.17
N ASP A 202 8.35 15.14 7.13
CA ASP A 202 9.76 15.33 6.81
C ASP A 202 10.43 14.03 6.38
N ALA A 203 9.61 13.00 6.21
CA ALA A 203 10.07 11.68 5.73
C ALA A 203 10.97 10.85 6.62
N LYS A 204 11.10 11.21 7.89
CA LYS A 204 11.95 10.44 8.80
C LYS A 204 11.26 9.18 9.33
N PRO A 205 11.92 8.03 9.22
CA PRO A 205 11.35 6.76 9.70
C PRO A 205 11.23 6.84 11.22
N PRO A 206 10.39 5.98 11.84
CA PRO A 206 9.56 4.94 11.24
C PRO A 206 8.26 5.50 10.67
N ALA A 207 7.57 4.68 9.88
CA ALA A 207 6.30 5.10 9.30
C ALA A 207 5.23 4.14 9.82
N VAL A 208 3.96 4.52 9.65
CA VAL A 208 2.85 3.71 10.11
C VAL A 208 2.21 2.90 8.98
N PHE A 209 2.04 1.60 9.22
CA PHE A 209 1.43 0.69 8.23
C PHE A 209 0.22 0.04 8.87
N THR A 210 -0.82 -0.20 8.08
CA THR A 210 -2.01 -0.85 8.61
C THR A 210 -1.66 -2.34 8.74
N ARG A 211 -1.94 -2.95 9.88
CA ARG A 211 -1.68 -4.37 10.08
C ARG A 211 -2.82 -5.14 9.40
N ILE A 212 -2.54 -5.68 8.21
CA ILE A 212 -3.54 -6.40 7.44
C ILE A 212 -4.22 -7.58 8.13
N SER A 213 -3.46 -8.34 8.92
CA SER A 213 -4.02 -9.52 9.59
C SER A 213 -5.27 -9.18 10.40
N HIS A 214 -5.23 -8.03 11.07
CA HIS A 214 -6.35 -7.61 11.89
C HIS A 214 -7.66 -7.45 11.12
N TYR A 215 -7.57 -7.22 9.81
CA TYR A 215 -8.76 -7.00 8.99
C TYR A 215 -9.19 -8.15 8.07
N GLN A 216 -8.64 -9.34 8.29
CA GLN A 216 -9.00 -10.47 7.43
C GLN A 216 -10.50 -10.73 7.40
N PRO A 217 -11.16 -10.84 8.57
CA PRO A 217 -12.60 -11.10 8.57
C PRO A 217 -13.37 -10.10 7.70
N TRP A 218 -13.06 -8.81 7.88
CA TRP A 218 -13.70 -7.75 7.12
C TRP A 218 -13.45 -7.95 5.63
N ILE A 219 -12.20 -8.25 5.28
CA ILE A 219 -11.83 -8.46 3.89
C ILE A 219 -12.62 -9.64 3.30
N ASN A 220 -12.64 -10.76 4.02
CA ASN A 220 -13.37 -11.93 3.55
C ASN A 220 -14.86 -11.64 3.34
N GLN A 221 -15.43 -10.82 4.24
CA GLN A 221 -16.85 -10.47 4.13
C GLN A 221 -17.12 -9.77 2.80
N ILE A 222 -16.32 -8.75 2.49
CA ILE A 222 -16.47 -8.01 1.25
C ILE A 222 -16.34 -8.92 0.03
N LEU A 223 -15.32 -9.76 0.03
CA LEU A 223 -15.10 -10.67 -1.09
C LEU A 223 -16.26 -11.63 -1.26
N GLN A 224 -16.81 -12.10 -0.14
CA GLN A 224 -17.95 -13.02 -0.17
C GLN A 224 -19.17 -12.37 -0.83
N ALA A 225 -19.44 -11.13 -0.43
CA ALA A 225 -20.60 -10.40 -0.95
C ALA A 225 -20.43 -9.80 -2.35
N ASN A 226 -19.22 -9.87 -2.90
CA ASN A 226 -18.99 -9.30 -4.22
C ASN A 226 -18.23 -10.24 -5.16
#